data_6OOL
#
_entry.id   6OOL
#
_cell.length_a   56.051
_cell.length_b   76.890
_cell.length_c   159.010
_cell.angle_alpha   90.000
_cell.angle_beta   90.000
_cell.angle_gamma   90.000
#
_symmetry.space_group_name_H-M   'P 21 21 21'
#
loop_
_entity.id
_entity.type
_entity.pdbx_description
1 polymer 'Netrin receptor UNC5B'
2 branched 2-acetamido-2-deoxy-beta-D-glucopyranose-(1-4)-[alpha-L-fucopyranose-(1-6)]2-acetamido-2-deoxy-beta-D-glucopyranose
3 non-polymer alpha-D-mannopyranose
4 non-polymer 'CHLORIDE ION'
5 water water
#
_entity_poly.entity_id   1
_entity_poly.type   'polypeptide(L)'
_entity_poly.pdbx_seq_one_letter_code
;LAGVDSAGQVLPDSYPSAPAEQLPYFLLEPQDAYIVKNKPVELHCRAFPATQIYFKCNGEWVSQNDHVTQESLDEATGLR
VREVQIEVSRQQVEELFGLEDYWCQCVAWSSSGTTKSRRAYIRIAYLRKNFDQEPLAKEVPLDHEVLLQCRPPEGVPVAE
VEWLKNEDVIDPAQDTNFLLTIDHNLIIRQARLSDTANYTCVAKNIVAKRRSTTATVIVYVNGGWSSWAEWSPCSNRCGR
GWQKRTRTCTNPAPLNGGAFCEGQAFQKTACTTVCPVDGAWTEWSKWSACSTECAHWRSRECMAPPPQNGGRDCSGTLLD
SKNCTDGLCVLNQRTLNDPKSHPLETSGDV
;
_entity_poly.pdbx_strand_id   A
#
# COMPACT_ATOMS: atom_id res chain seq x y z
N ALA A 20 44.20 20.64 -32.58
CA ALA A 20 43.19 19.67 -33.17
C ALA A 20 43.66 18.21 -32.97
N GLU A 21 43.68 17.72 -31.71
CA GLU A 21 44.18 16.37 -31.30
C GLU A 21 43.06 15.46 -30.74
N GLN A 22 42.15 16.02 -29.92
CA GLN A 22 41.20 15.29 -29.05
C GLN A 22 39.78 15.85 -29.17
N LEU A 23 38.91 15.42 -28.28
CA LEU A 23 37.47 15.78 -28.15
C LEU A 23 37.15 15.57 -26.67
N PRO A 24 36.44 16.49 -26.00
CA PRO A 24 36.14 16.32 -24.58
C PRO A 24 35.47 14.99 -24.27
N TYR A 25 35.87 14.39 -23.15
CA TYR A 25 35.27 13.18 -22.51
C TYR A 25 34.62 13.63 -21.19
N PHE A 26 33.34 13.29 -21.02
CA PHE A 26 32.52 13.52 -19.81
C PHE A 26 32.85 12.43 -18.76
N LEU A 27 33.68 12.82 -17.79
CA LEU A 27 33.88 12.13 -16.49
C LEU A 27 32.54 12.01 -15.74
N LEU A 28 31.69 13.02 -15.83
CA LEU A 28 30.45 13.12 -15.04
C LEU A 28 29.34 13.76 -15.87
N GLU A 29 28.16 13.14 -15.92
CA GLU A 29 27.04 13.61 -16.77
C GLU A 29 25.87 14.01 -15.89
N PRO A 30 25.03 14.97 -16.33
CA PRO A 30 23.81 15.31 -15.62
C PRO A 30 22.89 14.08 -15.52
N GLN A 31 22.40 13.81 -14.33
CA GLN A 31 21.49 12.68 -14.03
C GLN A 31 20.07 13.21 -13.95
N ASP A 32 19.13 12.43 -14.50
CA ASP A 32 17.66 12.59 -14.35
C ASP A 32 17.27 12.90 -12.89
N ALA A 33 16.16 13.59 -12.68
CA ALA A 33 15.85 14.21 -11.36
C ALA A 33 14.39 14.64 -11.31
N TYR A 34 13.87 14.81 -10.10
CA TYR A 34 12.44 15.10 -9.83
C TYR A 34 12.38 16.43 -9.08
N ILE A 35 11.41 17.27 -9.41
CA ILE A 35 11.02 18.45 -8.58
C ILE A 35 10.14 17.86 -7.50
N VAL A 36 10.60 17.80 -6.23
CA VAL A 36 9.77 17.43 -5.06
C VAL A 36 9.33 18.72 -4.36
N LYS A 37 8.02 19.01 -4.43
CA LYS A 37 7.36 20.26 -3.95
C LYS A 37 7.94 21.46 -4.72
N ASN A 38 8.42 22.52 -4.06
CA ASN A 38 9.01 23.72 -4.73
C ASN A 38 10.54 23.70 -4.55
N LYS A 39 11.16 22.54 -4.32
CA LYS A 39 12.63 22.46 -4.05
C LYS A 39 13.35 22.29 -5.39
N PRO A 40 14.32 23.16 -5.73
CA PRO A 40 15.05 23.04 -6.98
C PRO A 40 16.02 21.84 -7.03
N VAL A 41 16.37 21.50 -8.27
CA VAL A 41 17.26 20.38 -8.72
C VAL A 41 18.62 21.00 -9.14
N GLU A 42 19.75 20.49 -8.66
CA GLU A 42 21.09 20.81 -9.22
C GLU A 42 21.48 19.74 -10.22
N LEU A 43 22.02 20.16 -11.36
CA LEU A 43 22.66 19.25 -12.34
C LEU A 43 24.14 19.64 -12.39
N HIS A 44 24.98 18.62 -12.44
CA HIS A 44 26.46 18.75 -12.37
CA HIS A 44 26.46 18.72 -12.34
C HIS A 44 27.02 17.99 -13.56
N CYS A 45 28.09 18.49 -14.14
CA CYS A 45 28.77 17.76 -15.22
C CYS A 45 30.21 18.27 -15.31
N ARG A 46 31.10 17.37 -15.71
CA ARG A 46 32.56 17.55 -15.59
C ARG A 46 33.19 16.87 -16.79
N ALA A 47 34.08 17.53 -17.52
CA ALA A 47 34.69 16.86 -18.68
C ALA A 47 36.10 17.36 -18.93
N PHE A 48 36.87 16.57 -19.67
CA PHE A 48 38.29 16.85 -19.96
C PHE A 48 38.67 16.16 -21.26
N PRO A 49 39.55 16.76 -22.07
CA PRO A 49 40.01 18.12 -21.86
C PRO A 49 38.98 19.10 -22.41
N ALA A 50 38.94 20.33 -21.88
CA ALA A 50 37.86 21.29 -22.18
C ALA A 50 38.34 22.72 -21.97
N THR A 51 38.09 23.59 -22.96
CA THR A 51 38.34 25.05 -22.87
C THR A 51 37.06 25.72 -22.42
N GLN A 52 35.91 25.06 -22.58
CA GLN A 52 34.59 25.62 -22.20
C GLN A 52 33.64 24.48 -21.93
N ILE A 53 32.63 24.70 -21.12
CA ILE A 53 31.59 23.67 -20.81
C ILE A 53 30.34 24.40 -20.32
N TYR A 54 29.16 23.98 -20.75
CA TYR A 54 27.95 24.83 -20.65
C TYR A 54 26.71 24.01 -20.83
N PHE A 55 25.63 24.39 -20.15
CA PHE A 55 24.33 23.68 -20.19
C PHE A 55 23.39 24.26 -21.25
N LYS A 56 22.79 23.36 -21.99
CA LYS A 56 21.71 23.65 -22.95
C LYS A 56 20.52 22.99 -22.30
N CYS A 57 19.43 23.71 -22.05
CA CYS A 57 18.13 23.10 -21.64
C CYS A 57 17.08 23.39 -22.71
N ASN A 58 16.61 22.36 -23.42
CA ASN A 58 15.51 22.49 -24.41
C ASN A 58 16.00 23.36 -25.58
N GLY A 59 17.27 23.27 -25.93
CA GLY A 59 17.88 23.98 -27.07
C GLY A 59 18.21 25.42 -26.74
N GLU A 60 18.11 25.88 -25.51
CA GLU A 60 18.60 27.23 -25.19
C GLU A 60 19.77 27.17 -24.21
N TRP A 61 20.90 27.79 -24.52
CA TRP A 61 22.00 28.02 -23.54
C TRP A 61 21.48 28.72 -22.28
N VAL A 62 22.09 28.42 -21.13
CA VAL A 62 21.69 28.91 -19.77
C VAL A 62 22.95 28.95 -18.93
N SER A 63 23.26 30.11 -18.26
CA SER A 63 24.46 30.36 -17.41
C SER A 63 24.09 30.17 -15.94
N GLN A 64 25.01 29.80 -15.04
CA GLN A 64 24.85 29.89 -13.56
C GLN A 64 24.72 31.38 -13.22
N ASN A 65 23.50 31.84 -12.89
CA ASN A 65 23.17 33.19 -12.35
C ASN A 65 21.86 33.08 -11.55
N ASP A 66 20.72 33.12 -12.24
CA ASP A 66 19.36 32.76 -11.74
C ASP A 66 18.89 31.51 -12.51
N HIS A 67 19.81 30.55 -12.71
CA HIS A 67 19.68 29.30 -13.51
C HIS A 67 20.95 28.44 -13.31
N ARG A 80 43.38 20.47 -19.25
CA ARG A 80 42.51 21.10 -18.21
C ARG A 80 41.22 20.26 -18.11
N VAL A 81 40.77 19.94 -16.89
CA VAL A 81 39.42 19.39 -16.60
C VAL A 81 38.51 20.50 -16.05
N ARG A 82 37.29 20.59 -16.56
CA ARG A 82 36.36 21.66 -16.17
C ARG A 82 35.00 21.08 -15.82
N GLU A 83 34.30 21.75 -14.91
CA GLU A 83 32.96 21.34 -14.43
C GLU A 83 32.06 22.57 -14.41
N VAL A 84 30.75 22.36 -14.33
CA VAL A 84 29.70 23.41 -14.32
C VAL A 84 28.48 22.78 -13.68
N GLN A 85 27.68 23.62 -13.02
CA GLN A 85 26.42 23.24 -12.35
C GLN A 85 25.34 24.22 -12.80
N ILE A 86 24.07 23.82 -12.70
CA ILE A 86 22.91 24.73 -12.86
C ILE A 86 21.89 24.25 -11.86
N GLU A 87 20.87 25.07 -11.61
CA GLU A 87 19.64 24.69 -10.90
C GLU A 87 18.49 24.79 -11.90
N VAL A 88 17.54 23.89 -11.80
CA VAL A 88 16.26 23.99 -12.53
C VAL A 88 15.21 24.08 -11.44
N SER A 89 14.18 24.89 -11.65
CA SER A 89 13.17 25.32 -10.63
C SER A 89 11.82 24.76 -11.04
N ARG A 90 10.88 24.68 -10.11
CA ARG A 90 9.51 24.26 -10.44
C ARG A 90 8.99 25.11 -11.62
N GLN A 91 9.22 26.42 -11.56
CA GLN A 91 8.64 27.43 -12.48
C GLN A 91 9.17 27.17 -13.89
N GLN A 92 10.46 26.94 -14.02
CA GLN A 92 11.04 26.63 -15.35
C GLN A 92 10.26 25.43 -15.91
N VAL A 93 10.04 24.37 -15.14
CA VAL A 93 9.49 23.11 -15.70
C VAL A 93 8.02 23.31 -16.05
N GLU A 94 7.26 24.08 -15.27
CA GLU A 94 5.82 24.35 -15.51
C GLU A 94 5.65 25.13 -16.81
N GLU A 95 6.49 26.15 -17.01
CA GLU A 95 6.33 27.18 -18.08
C GLU A 95 6.79 26.64 -19.44
N LEU A 96 7.64 25.61 -19.49
CA LEU A 96 7.94 24.89 -20.75
C LEU A 96 6.66 24.61 -21.56
N PHE A 97 6.56 25.21 -22.73
CA PHE A 97 5.68 24.82 -23.85
C PHE A 97 5.85 23.32 -24.17
N GLY A 98 4.73 22.62 -24.32
CA GLY A 98 4.66 21.25 -24.85
C GLY A 98 4.42 20.20 -23.78
N LEU A 99 4.10 18.98 -24.21
CA LEU A 99 3.89 17.85 -23.30
C LEU A 99 5.22 17.16 -23.04
N GLU A 100 6.27 17.51 -23.78
CA GLU A 100 7.56 16.78 -23.76
C GLU A 100 8.33 17.11 -22.48
N ASP A 101 8.88 16.09 -21.85
CA ASP A 101 9.75 16.21 -20.66
C ASP A 101 10.80 17.32 -20.86
N TYR A 102 10.98 18.13 -19.84
CA TYR A 102 12.05 19.16 -19.77
C TYR A 102 13.40 18.44 -19.80
N TRP A 103 14.41 18.98 -20.48
CA TRP A 103 15.74 18.30 -20.50
C TRP A 103 16.88 19.30 -20.54
N CYS A 104 17.95 18.94 -19.87
CA CYS A 104 19.25 19.64 -19.87
C CYS A 104 20.31 18.69 -20.39
N GLN A 105 21.30 19.21 -21.11
CA GLN A 105 22.50 18.44 -21.51
C GLN A 105 23.67 19.40 -21.44
N CYS A 106 24.87 18.91 -21.21
CA CYS A 106 26.07 19.78 -21.22
C CYS A 106 26.77 19.71 -22.58
N VAL A 107 27.38 20.82 -22.96
CA VAL A 107 28.24 20.81 -24.16
C VAL A 107 29.62 21.27 -23.72
N ALA A 108 30.64 20.48 -24.09
CA ALA A 108 32.06 20.77 -23.82
C ALA A 108 32.79 21.04 -25.14
N TRP A 109 33.82 21.88 -25.07
CA TRP A 109 34.64 22.36 -26.21
C TRP A 109 36.10 22.01 -25.97
N SER A 110 36.79 21.47 -26.96
CA SER A 110 38.26 21.39 -26.98
C SER A 110 38.77 22.31 -28.09
N SER A 111 40.07 22.23 -28.39
CA SER A 111 40.73 22.93 -29.52
C SER A 111 40.04 22.52 -30.82
N SER A 112 39.58 21.27 -30.93
CA SER A 112 39.23 20.71 -32.26
C SER A 112 37.72 20.56 -32.40
N GLY A 113 36.90 20.39 -31.36
CA GLY A 113 35.46 20.16 -31.57
C GLY A 113 34.68 20.23 -30.28
N THR A 114 33.45 19.76 -30.35
CA THR A 114 32.59 19.66 -29.15
C THR A 114 32.23 18.20 -28.91
N THR A 115 31.95 17.87 -27.65
CA THR A 115 31.16 16.70 -27.22
C THR A 115 29.92 17.18 -26.46
N LYS A 116 28.85 16.39 -26.54
CA LYS A 116 27.56 16.59 -25.82
C LYS A 116 27.34 15.45 -24.82
N SER A 117 27.07 15.78 -23.56
CA SER A 117 26.54 14.85 -22.53
C SER A 117 25.22 14.21 -22.98
N ARG A 118 24.80 13.18 -22.22
CA ARG A 118 23.42 12.62 -22.29
C ARG A 118 22.46 13.76 -22.04
N ARG A 119 21.21 13.58 -22.42
CA ARG A 119 20.09 14.45 -21.97
C ARG A 119 19.53 13.92 -20.67
N ALA A 120 19.43 14.82 -19.68
CA ALA A 120 18.90 14.58 -18.32
C ALA A 120 17.49 15.14 -18.30
N TYR A 121 16.52 14.36 -17.85
CA TYR A 121 15.09 14.72 -17.84
C TYR A 121 14.74 15.17 -16.42
N ILE A 122 14.10 16.32 -16.32
CA ILE A 122 13.55 16.86 -15.04
C ILE A 122 12.03 16.82 -15.08
N ARG A 123 11.44 16.05 -14.17
CA ARG A 123 9.99 15.83 -14.15
CA ARG A 123 9.98 15.78 -14.12
C ARG A 123 9.45 16.36 -12.81
N ILE A 124 8.25 16.90 -12.83
CA ILE A 124 7.53 17.36 -11.61
C ILE A 124 6.98 16.12 -10.88
N ALA A 125 7.45 15.89 -9.64
CA ALA A 125 7.02 14.77 -8.78
C ALA A 125 5.86 15.25 -7.92
N TYR A 126 4.87 14.38 -7.75
CA TYR A 126 3.64 14.69 -6.98
C TYR A 126 3.08 13.39 -6.45
N LEU A 127 2.23 13.48 -5.43
CA LEU A 127 1.36 12.36 -4.99
C LEU A 127 0.03 12.94 -4.59
N ARG A 128 -1.02 12.68 -5.37
CA ARG A 128 -2.34 13.29 -5.14
C ARG A 128 -2.80 12.94 -3.72
N LYS A 129 -3.70 13.73 -3.14
CA LYS A 129 -4.05 13.67 -1.71
C LYS A 129 -5.08 12.55 -1.50
N ASN A 130 -6.03 12.42 -2.43
CA ASN A 130 -7.25 11.59 -2.20
C ASN A 130 -7.08 10.21 -2.86
N PHE A 131 -7.47 9.17 -2.14
CA PHE A 131 -7.61 7.81 -2.68
C PHE A 131 -8.85 7.83 -3.56
N ASP A 132 -8.80 7.19 -4.72
CA ASP A 132 -10.00 7.00 -5.55
C ASP A 132 -10.94 6.07 -4.77
N GLN A 133 -10.41 4.97 -4.23
CA GLN A 133 -11.20 3.98 -3.45
C GLN A 133 -10.47 3.59 -2.17
N GLU A 134 -11.20 3.64 -1.05
CA GLU A 134 -10.75 3.22 0.30
C GLU A 134 -11.53 1.96 0.71
N PRO A 135 -10.93 1.14 1.59
CA PRO A 135 -11.60 -0.09 2.05
C PRO A 135 -12.73 0.20 3.04
N LEU A 136 -13.78 -0.64 3.05
CA LEU A 136 -14.93 -0.56 4.00
C LEU A 136 -14.81 -1.65 5.07
N ALA A 137 -15.24 -1.33 6.30
CA ALA A 137 -15.43 -2.27 7.44
C ALA A 137 -16.30 -3.48 7.08
N LYS A 138 -16.05 -4.63 7.72
CA LYS A 138 -16.78 -5.91 7.48
C LYS A 138 -16.95 -6.68 8.78
N GLU A 139 -18.08 -7.40 8.88
CA GLU A 139 -18.37 -8.59 9.73
C GLU A 139 -18.19 -9.83 8.84
N VAL A 140 -17.55 -10.89 9.29
CA VAL A 140 -17.54 -12.16 8.49
C VAL A 140 -17.54 -13.38 9.41
N PRO A 141 -18.14 -14.52 8.97
CA PRO A 141 -18.00 -15.78 9.67
C PRO A 141 -16.53 -16.23 9.65
N LEU A 142 -16.15 -17.07 10.61
CA LEU A 142 -14.86 -17.80 10.56
C LEU A 142 -14.79 -18.51 9.20
N ASP A 143 -13.62 -18.52 8.55
CA ASP A 143 -13.29 -19.33 7.34
C ASP A 143 -13.84 -18.66 6.06
N HIS A 144 -14.23 -17.40 6.12
CA HIS A 144 -14.76 -16.65 4.96
C HIS A 144 -13.59 -15.99 4.23
N GLU A 145 -13.70 -15.84 2.90
CA GLU A 145 -12.77 -15.06 2.07
C GLU A 145 -13.15 -13.58 2.20
N VAL A 146 -12.19 -12.71 2.48
CA VAL A 146 -12.41 -11.26 2.68
C VAL A 146 -11.65 -10.55 1.57
N LEU A 147 -12.25 -9.54 0.95
CA LEU A 147 -11.60 -8.73 -0.12
C LEU A 147 -11.68 -7.26 0.28
N LEU A 148 -10.55 -6.65 0.62
CA LEU A 148 -10.47 -5.19 0.94
C LEU A 148 -10.02 -4.43 -0.31
N GLN A 149 -10.88 -3.54 -0.81
CA GLN A 149 -10.67 -2.71 -2.01
C GLN A 149 -9.76 -1.54 -1.64
N CYS A 150 -8.78 -1.19 -2.48
CA CYS A 150 -7.96 0.05 -2.36
C CYS A 150 -7.57 0.55 -3.74
N ARG A 151 -7.86 1.80 -4.07
CA ARG A 151 -7.41 2.48 -5.32
C ARG A 151 -6.64 3.72 -4.92
N PRO A 152 -5.29 3.66 -4.91
CA PRO A 152 -4.45 4.67 -4.27
C PRO A 152 -4.44 5.98 -5.06
N PRO A 153 -3.98 7.11 -4.47
CA PRO A 153 -3.93 8.34 -5.22
C PRO A 153 -2.89 8.06 -6.31
N GLU A 154 -2.97 8.84 -7.38
CA GLU A 154 -2.00 8.85 -8.50
C GLU A 154 -0.77 9.63 -8.08
N GLY A 155 0.42 9.20 -8.53
CA GLY A 155 1.72 9.79 -8.14
C GLY A 155 2.71 9.81 -9.30
N VAL A 156 3.75 10.64 -9.19
CA VAL A 156 4.98 10.55 -10.03
C VAL A 156 6.16 10.87 -9.14
N PRO A 157 7.08 9.92 -8.92
CA PRO A 157 6.97 8.57 -9.47
C PRO A 157 5.75 7.79 -8.99
N VAL A 158 5.39 6.73 -9.73
CA VAL A 158 4.20 5.87 -9.41
C VAL A 158 4.33 5.39 -7.96
N ALA A 159 3.18 5.32 -7.29
CA ALA A 159 3.05 5.08 -5.83
C ALA A 159 3.17 3.59 -5.51
N GLU A 160 4.13 3.23 -4.65
N GLU A 160 4.14 3.23 -4.66
CA GLU A 160 4.25 1.87 -4.07
CA GLU A 160 4.25 1.89 -4.01
C GLU A 160 3.21 1.74 -2.93
C GLU A 160 3.13 1.81 -2.96
N VAL A 161 2.27 0.78 -3.09
CA VAL A 161 1.17 0.48 -2.13
C VAL A 161 1.54 -0.64 -1.15
N GLU A 162 1.31 -0.44 0.14
CA GLU A 162 1.36 -1.46 1.24
C GLU A 162 0.01 -1.62 1.94
N TRP A 163 -0.12 -2.61 2.82
CA TRP A 163 -1.21 -2.69 3.81
C TRP A 163 -0.66 -2.83 5.24
N LEU A 164 -1.37 -2.20 6.18
CA LEU A 164 -1.11 -2.31 7.63
C LEU A 164 -2.20 -3.20 8.24
N LYS A 165 -1.79 -4.08 9.15
CA LYS A 165 -2.68 -4.82 10.06
C LYS A 165 -2.33 -4.27 11.45
N ASN A 166 -3.23 -3.51 12.07
CA ASN A 166 -2.94 -2.92 13.40
C ASN A 166 -1.50 -2.44 13.40
N GLU A 167 -1.19 -1.47 12.51
CA GLU A 167 0.14 -0.82 12.28
C GLU A 167 1.11 -1.75 11.51
N ASP A 168 1.41 -2.93 12.06
CA ASP A 168 2.34 -3.92 11.44
C ASP A 168 2.05 -4.09 9.94
N VAL A 169 3.10 -3.99 9.12
CA VAL A 169 3.03 -4.15 7.64
C VAL A 169 2.80 -5.63 7.31
N ILE A 170 1.70 -5.94 6.66
CA ILE A 170 1.48 -7.29 6.07
C ILE A 170 2.56 -7.53 5.01
N ASP A 171 2.85 -8.80 4.67
CA ASP A 171 3.87 -9.23 3.67
C ASP A 171 3.50 -10.61 3.10
N PRO A 172 2.80 -10.74 1.94
CA PRO A 172 2.27 -12.02 1.44
C PRO A 172 3.15 -13.29 1.43
N ALA A 173 4.48 -13.12 1.37
CA ALA A 173 5.52 -14.19 1.42
C ALA A 173 5.43 -14.96 2.74
N GLN A 174 5.43 -14.23 3.87
CA GLN A 174 5.44 -14.78 5.26
C GLN A 174 4.02 -15.09 5.72
N ASP A 175 3.14 -14.09 5.63
CA ASP A 175 1.73 -14.12 6.09
C ASP A 175 0.90 -14.70 4.94
N THR A 176 0.88 -16.03 4.82
CA THR A 176 0.47 -16.80 3.61
C THR A 176 -1.06 -16.85 3.46
N ASN A 177 -1.79 -16.33 4.45
CA ASN A 177 -3.27 -16.20 4.45
C ASN A 177 -3.69 -14.90 3.72
N PHE A 178 -2.71 -14.07 3.35
CA PHE A 178 -2.91 -12.76 2.64
C PHE A 178 -2.34 -12.78 1.21
N LEU A 179 -3.14 -12.25 0.27
CA LEU A 179 -2.73 -11.90 -1.12
C LEU A 179 -2.93 -10.40 -1.37
N LEU A 180 -1.88 -9.74 -1.92
CA LEU A 180 -1.97 -8.42 -2.63
C LEU A 180 -2.30 -8.67 -4.11
N THR A 181 -3.56 -8.41 -4.55
CA THR A 181 -3.96 -8.23 -5.98
C THR A 181 -3.03 -7.19 -6.65
N ILE A 182 -2.85 -7.29 -7.97
CA ILE A 182 -2.06 -6.31 -8.77
C ILE A 182 -2.82 -4.97 -8.81
N ASP A 183 -4.12 -4.97 -8.47
CA ASP A 183 -4.98 -3.76 -8.30
C ASP A 183 -4.86 -3.17 -6.89
N HIS A 184 -3.86 -3.58 -6.11
CA HIS A 184 -3.53 -3.05 -4.75
C HIS A 184 -4.61 -3.43 -3.72
N ASN A 185 -5.45 -4.43 -4.02
CA ASN A 185 -6.50 -4.94 -3.10
C ASN A 185 -5.86 -5.94 -2.13
N LEU A 186 -6.47 -6.20 -0.97
CA LEU A 186 -6.00 -7.24 0.00
C LEU A 186 -7.05 -8.35 0.07
N ILE A 187 -6.60 -9.59 -0.08
CA ILE A 187 -7.42 -10.82 0.09
C ILE A 187 -6.95 -11.53 1.37
N ILE A 188 -7.88 -11.75 2.32
CA ILE A 188 -7.71 -12.68 3.48
C ILE A 188 -8.29 -14.01 3.04
N ARG A 189 -7.45 -15.01 2.76
CA ARG A 189 -7.82 -16.22 1.95
C ARG A 189 -9.02 -16.90 2.65
N GLN A 190 -8.81 -17.45 3.85
CA GLN A 190 -9.91 -17.83 4.78
C GLN A 190 -9.62 -17.23 6.18
N ALA A 191 -10.64 -16.61 6.76
CA ALA A 191 -10.52 -15.69 7.92
C ALA A 191 -10.34 -16.48 9.22
N ARG A 192 -9.15 -16.40 9.79
CA ARG A 192 -8.85 -16.84 11.17
C ARG A 192 -9.49 -15.81 12.10
N LEU A 193 -9.34 -15.93 13.40
CA LEU A 193 -10.09 -15.12 14.39
C LEU A 193 -9.18 -13.99 14.86
N SER A 194 -7.88 -14.27 14.89
CA SER A 194 -6.76 -13.29 15.02
C SER A 194 -6.76 -12.32 13.82
N ASP A 195 -7.49 -12.62 12.74
CA ASP A 195 -7.64 -11.66 11.60
C ASP A 195 -8.63 -10.55 11.98
N THR A 196 -9.22 -10.58 13.17
CA THR A 196 -10.05 -9.46 13.72
C THR A 196 -9.13 -8.28 14.02
N ALA A 197 -9.15 -7.25 13.18
CA ALA A 197 -8.14 -6.18 13.20
C ALA A 197 -8.59 -4.90 12.49
N ASN A 198 -7.76 -3.87 12.57
CA ASN A 198 -7.90 -2.58 11.86
C ASN A 198 -6.96 -2.65 10.64
N TYR A 199 -7.50 -2.59 9.42
CA TYR A 199 -6.71 -2.65 8.14
C TYR A 199 -6.66 -1.29 7.42
N THR A 200 -5.50 -0.92 6.91
CA THR A 200 -5.21 0.41 6.34
C THR A 200 -4.36 0.26 5.10
N CYS A 201 -4.78 0.84 3.98
CA CYS A 201 -3.99 0.92 2.72
C CYS A 201 -3.04 2.10 2.81
N VAL A 202 -1.74 1.88 2.59
CA VAL A 202 -0.77 3.02 2.53
C VAL A 202 -0.21 3.14 1.10
N ALA A 203 -0.06 4.37 0.59
CA ALA A 203 0.58 4.73 -0.70
C ALA A 203 1.74 5.66 -0.41
N LYS A 204 2.88 5.42 -1.05
CA LYS A 204 4.13 6.18 -0.78
C LYS A 204 4.86 6.45 -2.11
N ASN A 205 5.65 7.54 -2.16
CA ASN A 205 6.71 7.79 -3.16
C ASN A 205 7.68 8.78 -2.52
N ILE A 206 8.59 9.36 -3.31
CA ILE A 206 9.62 10.28 -2.75
C ILE A 206 8.94 11.55 -2.23
N VAL A 207 7.74 11.89 -2.69
CA VAL A 207 7.07 13.16 -2.26
C VAL A 207 6.51 13.00 -0.85
N ALA A 208 5.70 11.96 -0.60
CA ALA A 208 4.92 11.81 0.64
C ALA A 208 4.42 10.39 0.81
N LYS A 209 3.81 10.08 1.96
CA LYS A 209 2.95 8.87 2.13
C LYS A 209 1.55 9.28 2.54
N ARG A 210 0.57 8.50 2.13
CA ARG A 210 -0.88 8.74 2.34
C ARG A 210 -1.55 7.47 2.86
N ARG A 211 -2.30 7.57 3.95
CA ARG A 211 -3.01 6.44 4.59
C ARG A 211 -4.45 6.53 4.17
N SER A 212 -5.04 5.44 3.75
CA SER A 212 -6.52 5.35 3.54
C SER A 212 -7.23 5.47 4.89
N THR A 213 -8.55 5.50 4.80
CA THR A 213 -9.43 5.35 5.97
C THR A 213 -9.28 3.90 6.45
N THR A 214 -8.97 3.77 7.73
CA THR A 214 -8.78 2.47 8.41
C THR A 214 -10.13 1.71 8.47
N ALA A 215 -10.16 0.48 7.93
CA ALA A 215 -11.32 -0.44 7.91
C ALA A 215 -11.18 -1.50 9.00
N THR A 216 -12.15 -1.57 9.91
CA THR A 216 -12.24 -2.64 10.94
C THR A 216 -12.83 -3.90 10.33
N VAL A 217 -12.08 -5.01 10.38
CA VAL A 217 -12.60 -6.35 10.04
C VAL A 217 -12.79 -7.10 11.35
N ILE A 218 -13.99 -7.67 11.49
CA ILE A 218 -14.40 -8.48 12.66
C ILE A 218 -14.80 -9.87 12.15
N VAL A 219 -14.17 -10.89 12.70
CA VAL A 219 -14.49 -12.31 12.42
C VAL A 219 -15.27 -12.87 13.61
N TYR A 220 -16.56 -13.09 13.41
CA TYR A 220 -17.46 -13.68 14.42
C TYR A 220 -17.42 -15.22 14.28
N VAL A 221 -17.70 -15.91 15.38
CA VAL A 221 -18.16 -17.32 15.41
C VAL A 221 -19.59 -17.36 15.93
N ASN A 222 -20.51 -17.94 15.17
CA ASN A 222 -21.89 -18.25 15.65
C ASN A 222 -21.86 -19.38 16.68
N GLY A 223 -22.81 -19.35 17.62
CA GLY A 223 -22.98 -20.38 18.67
C GLY A 223 -23.32 -21.75 18.07
N GLY A 224 -22.96 -22.81 18.79
CA GLY A 224 -23.45 -24.19 18.58
C GLY A 224 -23.91 -24.84 19.88
N TRP A 225 -24.88 -25.74 19.79
CA TRP A 225 -25.43 -26.43 21.00
C TRP A 225 -24.42 -27.49 21.41
N SER A 226 -24.28 -27.71 22.71
CA SER A 226 -23.72 -28.97 23.24
C SER A 226 -24.69 -30.10 22.91
N SER A 227 -24.27 -31.30 23.22
CA SER A 227 -25.19 -32.46 23.32
C SER A 227 -26.11 -32.21 24.49
N TRP A 228 -27.37 -32.63 24.34
CA TRP A 228 -28.31 -32.83 25.48
C TRP A 228 -27.57 -33.64 26.54
N ALA A 229 -27.51 -33.16 27.77
CA ALA A 229 -27.21 -33.99 28.96
C ALA A 229 -28.13 -35.22 28.98
N GLU A 230 -27.80 -36.19 29.81
CA GLU A 230 -28.66 -37.39 30.02
C GLU A 230 -29.96 -36.93 30.67
N TRP A 231 -31.07 -37.56 30.32
CA TRP A 231 -32.38 -37.39 31.02
C TRP A 231 -32.17 -37.59 32.51
N SER A 232 -32.72 -36.73 33.36
CA SER A 232 -32.71 -36.97 34.81
C SER A 232 -33.49 -38.26 35.05
N PRO A 233 -33.21 -39.01 36.12
CA PRO A 233 -33.97 -40.22 36.38
C PRO A 233 -35.45 -39.86 36.47
N CYS A 234 -36.29 -40.75 35.97
CA CYS A 234 -37.76 -40.67 36.10
C CYS A 234 -38.08 -40.51 37.58
N SER A 235 -38.86 -39.50 37.93
CA SER A 235 -39.17 -39.19 39.34
C SER A 235 -39.97 -40.33 39.98
N ASN A 236 -40.57 -41.23 39.22
CA ASN A 236 -41.22 -42.44 39.81
C ASN A 236 -40.58 -43.69 39.21
N ARG A 237 -40.01 -44.58 40.05
CA ARG A 237 -39.21 -45.76 39.61
C ARG A 237 -40.13 -46.78 38.93
N CYS A 238 -41.40 -46.83 39.34
CA CYS A 238 -42.44 -47.68 38.73
C CYS A 238 -43.76 -46.92 38.75
N GLY A 239 -44.20 -46.44 37.58
CA GLY A 239 -45.41 -45.61 37.44
C GLY A 239 -45.10 -44.35 36.67
N ARG A 240 -46.02 -43.40 36.76
CA ARG A 240 -46.01 -42.16 35.96
C ARG A 240 -45.18 -41.13 36.72
N GLY A 241 -44.26 -40.45 36.03
CA GLY A 241 -43.43 -39.36 36.60
C GLY A 241 -43.03 -38.32 35.57
N TRP A 242 -41.91 -37.66 35.81
CA TRP A 242 -41.36 -36.59 34.96
C TRP A 242 -39.81 -36.65 34.96
N GLN A 243 -39.19 -36.09 33.91
CA GLN A 243 -37.72 -35.97 33.83
C GLN A 243 -37.35 -34.73 33.01
N LYS A 244 -36.12 -34.28 33.17
CA LYS A 244 -35.60 -33.01 32.63
C LYS A 244 -34.33 -33.32 31.87
N ARG A 245 -33.99 -32.49 30.90
CA ARG A 245 -32.62 -32.44 30.34
C ARG A 245 -32.35 -31.06 29.76
N THR A 246 -31.08 -30.78 29.51
CA THR A 246 -30.59 -29.45 29.10
C THR A 246 -29.40 -29.54 28.15
N ARG A 247 -29.11 -28.42 27.52
CA ARG A 247 -27.87 -28.24 26.74
C ARG A 247 -27.59 -26.75 26.75
N THR A 248 -26.49 -26.35 26.13
CA THR A 248 -25.81 -25.07 26.41
C THR A 248 -25.19 -24.57 25.12
N CYS A 249 -25.26 -23.26 24.93
CA CYS A 249 -24.61 -22.55 23.79
C CYS A 249 -23.12 -22.38 24.07
N THR A 250 -22.35 -23.46 23.89
CA THR A 250 -20.95 -23.62 24.34
C THR A 250 -20.15 -24.47 23.34
N ASN A 251 -20.74 -24.82 22.20
CA ASN A 251 -20.09 -25.74 21.23
C ASN A 251 -20.19 -25.23 19.80
N PRO A 252 -19.55 -24.09 19.48
CA PRO A 252 -18.85 -23.24 20.44
C PRO A 252 -19.75 -22.19 21.09
N ALA A 253 -19.24 -21.49 22.09
CA ALA A 253 -19.92 -20.26 22.56
C ALA A 253 -19.81 -19.26 21.42
N PRO A 254 -20.82 -18.38 21.25
CA PRO A 254 -20.72 -17.33 20.24
C PRO A 254 -19.62 -16.33 20.64
N LEU A 255 -19.10 -15.58 19.67
CA LEU A 255 -17.76 -14.92 19.72
C LEU A 255 -17.73 -13.71 18.76
N ASN A 256 -17.15 -12.58 19.20
CA ASN A 256 -17.12 -11.31 18.41
C ASN A 256 -18.55 -11.04 17.89
N GLY A 257 -19.55 -11.23 18.75
CA GLY A 257 -20.97 -10.95 18.44
C GLY A 257 -21.54 -11.84 17.34
N GLY A 258 -21.11 -13.11 17.26
CA GLY A 258 -21.83 -14.14 16.48
C GLY A 258 -23.17 -14.44 17.10
N ALA A 259 -24.00 -15.18 16.37
CA ALA A 259 -25.40 -15.53 16.74
C ALA A 259 -25.45 -16.41 18.00
N PHE A 260 -26.45 -16.18 18.85
CA PHE A 260 -26.87 -17.17 19.86
C PHE A 260 -27.47 -18.37 19.12
N CYS A 261 -27.49 -19.54 19.78
CA CYS A 261 -28.00 -20.81 19.26
C CYS A 261 -29.50 -20.61 19.08
N GLU A 262 -30.17 -21.44 18.29
CA GLU A 262 -31.61 -21.28 17.99
C GLU A 262 -32.32 -22.56 18.44
N GLY A 263 -33.37 -22.46 19.26
CA GLY A 263 -34.20 -23.62 19.67
C GLY A 263 -34.23 -23.84 21.17
N GLN A 264 -34.65 -25.03 21.59
CA GLN A 264 -34.79 -25.37 23.03
C GLN A 264 -33.40 -25.58 23.64
N ALA A 265 -33.18 -25.04 24.85
CA ALA A 265 -32.04 -25.31 25.75
C ALA A 265 -32.43 -26.29 26.86
N PHE A 266 -33.74 -26.50 27.04
CA PHE A 266 -34.32 -27.16 28.23
C PHE A 266 -35.57 -27.92 27.77
N GLN A 267 -35.70 -29.13 28.30
CA GLN A 267 -36.87 -30.00 28.06
C GLN A 267 -37.28 -30.65 29.37
N LYS A 268 -38.54 -31.04 29.43
CA LYS A 268 -39.25 -31.59 30.60
C LYS A 268 -40.44 -32.33 30.01
N THR A 269 -40.50 -33.65 30.17
CA THR A 269 -41.67 -34.47 29.76
C THR A 269 -42.00 -35.50 30.83
N ALA A 270 -43.20 -36.05 30.73
CA ALA A 270 -43.65 -37.23 31.50
C ALA A 270 -42.90 -38.45 30.98
N CYS A 271 -42.64 -39.40 31.87
CA CYS A 271 -42.05 -40.74 31.62
C CYS A 271 -42.91 -41.77 32.35
N THR A 272 -42.82 -43.03 31.96
CA THR A 272 -43.44 -44.19 32.68
C THR A 272 -42.49 -45.39 32.65
N THR A 273 -41.98 -45.79 33.82
CA THR A 273 -41.35 -47.12 34.05
C THR A 273 -42.43 -48.06 34.62
N VAL A 274 -42.31 -49.35 34.31
CA VAL A 274 -43.31 -50.40 34.65
C VAL A 274 -42.66 -51.39 35.63
N CYS A 275 -43.41 -51.85 36.65
CA CYS A 275 -43.07 -52.98 37.57
C CYS A 275 -44.34 -53.79 37.86
#